data_5II1
#
_entry.id   5II1
#
_cell.length_a   41.110
_cell.length_b   57.970
_cell.length_c   106.010
_cell.angle_alpha   90.000
_cell.angle_beta   90.000
_cell.angle_gamma   90.000
#
_symmetry.space_group_name_H-M   'P 21 21 21'
#
loop_
_entity.id
_entity.type
_entity.pdbx_description
1 polymer 'Protein polybromo-1'
2 non-polymer 1-methyl[2]benzopyrano[3,4-c]pyrazol-5(3H)-one
3 water water
#
_entity_poly.entity_id   1
_entity_poly.type   'polypeptide(L)'
_entity_poly.pdbx_seq_one_letter_code
;SMSGISPKKSKYMTPMQQKLNEVYEAVKNYTDKRGRRLSAIFLRLPSRSELPDYYLTIKKPMDMEKIRSHMMANKYQDID
SMVEDFVMMFNNACTYNEPESLIYKDALVLHKVLLETRRDLEGD
;
_entity_poly.pdbx_strand_id   A,B
#
# COMPACT_ATOMS: atom_id res chain seq x y z
N SER A 10 18.85 -4.34 23.71
CA SER A 10 18.52 -4.71 22.29
C SER A 10 19.68 -5.40 21.59
N LYS A 11 19.40 -6.59 21.07
CA LYS A 11 20.38 -7.39 20.36
C LYS A 11 20.39 -7.04 18.85
N TYR A 12 21.56 -7.18 18.25
CA TYR A 12 21.66 -7.27 16.77
C TYR A 12 20.98 -8.53 16.27
N MET A 13 20.36 -8.45 15.10
CA MET A 13 19.67 -9.57 14.47
C MET A 13 20.63 -10.72 14.22
N THR A 14 20.19 -11.93 14.51
CA THR A 14 21.02 -13.14 14.29
C THR A 14 21.29 -13.34 12.80
N PRO A 15 22.26 -14.21 12.44
CA PRO A 15 22.44 -14.62 11.05
C PRO A 15 21.18 -15.10 10.34
N MET A 16 20.37 -15.90 11.01
CA MET A 16 19.12 -16.33 10.41
C MET A 16 18.13 -15.15 10.23
N GLN A 17 17.96 -14.31 11.25
CA GLN A 17 17.14 -13.09 11.06
C GLN A 17 17.59 -12.23 9.89
N GLN A 18 18.89 -12.12 9.67
CA GLN A 18 19.42 -11.40 8.50
C GLN A 18 19.00 -12.00 7.16
N LYS A 19 19.05 -13.33 7.05
CA LYS A 19 18.57 -14.03 5.85
C LYS A 19 17.04 -13.91 5.68
N LEU A 20 16.33 -14.01 6.78
CA LEU A 20 14.88 -13.82 6.83
C LEU A 20 14.58 -12.40 6.38
N ASN A 21 15.34 -11.43 6.88
CA ASN A 21 15.10 -10.04 6.53
C ASN A 21 15.31 -9.74 5.06
N GLU A 22 16.28 -10.43 4.45
CA GLU A 22 16.53 -10.30 3.03
C GLU A 22 15.35 -10.79 2.18
N VAL A 23 14.77 -11.93 2.57
CA VAL A 23 13.56 -12.42 1.91
C VAL A 23 12.42 -11.42 2.10
N TYR A 24 12.20 -11.02 3.35
CA TYR A 24 11.10 -10.11 3.65
C TYR A 24 11.22 -8.82 2.80
N GLU A 25 12.39 -8.20 2.79
CA GLU A 25 12.64 -6.90 2.12
CA GLU A 25 12.62 -6.92 2.10
C GLU A 25 12.49 -7.03 0.59
N ALA A 26 12.86 -8.17 0.03
CA ALA A 26 12.77 -8.40 -1.40
C ALA A 26 11.32 -8.34 -1.82
N VAL A 27 10.45 -8.98 -1.05
CA VAL A 27 9.01 -8.96 -1.32
C VAL A 27 8.44 -7.55 -1.07
N LYS A 28 8.77 -6.98 0.07
CA LYS A 28 8.30 -5.65 0.44
C LYS A 28 8.69 -4.56 -0.60
N ASN A 29 9.95 -4.60 -1.05
CA ASN A 29 10.52 -3.50 -1.86
C ASN A 29 10.33 -3.70 -3.33
N TYR A 30 9.87 -4.88 -3.75
CA TYR A 30 9.71 -5.14 -5.18
C TYR A 30 8.82 -4.05 -5.82
N THR A 31 9.30 -3.50 -6.91
CA THR A 31 8.49 -2.60 -7.72
C THR A 31 8.47 -3.09 -9.16
N ASP A 32 7.32 -2.95 -9.82
CA ASP A 32 7.18 -3.31 -11.23
C ASP A 32 7.84 -2.21 -12.09
N LYS A 33 7.75 -2.37 -13.41
CA LYS A 33 8.39 -1.44 -14.36
C LYS A 33 7.85 -0.01 -14.28
N ARG A 34 6.66 0.20 -13.76
CA ARG A 34 6.09 1.52 -13.54
C ARG A 34 6.41 2.17 -12.17
N GLY A 35 7.23 1.50 -11.37
CA GLY A 35 7.47 1.89 -10.00
C GLY A 35 6.37 1.58 -8.99
N ARG A 36 5.41 0.71 -9.30
CA ARG A 36 4.37 0.41 -8.34
C ARG A 36 4.92 -0.68 -7.38
N ARG A 37 4.77 -0.43 -6.08
CA ARG A 37 5.18 -1.34 -5.02
C ARG A 37 4.04 -2.29 -4.75
N LEU A 38 4.15 -3.51 -5.28
CA LEU A 38 3.05 -4.44 -5.22
C LEU A 38 2.69 -4.90 -3.80
N SER A 39 3.64 -4.81 -2.86
CA SER A 39 3.39 -5.18 -1.46
C SER A 39 2.39 -4.28 -0.66
N ALA A 40 2.12 -3.08 -1.18
CA ALA A 40 1.33 -2.01 -0.50
C ALA A 40 0.10 -2.57 0.17
N ILE A 41 -0.73 -3.24 -0.61
CA ILE A 41 -2.01 -3.73 -0.13
C ILE A 41 -1.87 -4.91 0.85
N PHE A 42 -0.70 -5.58 0.86
CA PHE A 42 -0.43 -6.77 1.66
C PHE A 42 0.12 -6.49 3.06
N LEU A 43 0.53 -5.24 3.33
CA LEU A 43 1.21 -4.90 4.61
C LEU A 43 0.31 -5.19 5.82
N ARG A 44 -0.94 -4.72 5.77
CA ARG A 44 -1.88 -4.88 6.89
C ARG A 44 -3.29 -5.20 6.40
N LEU A 45 -3.80 -6.36 6.81
CA LEU A 45 -5.19 -6.74 6.58
C LEU A 45 -6.14 -5.72 7.20
N PRO A 46 -7.22 -5.42 6.48
CA PRO A 46 -8.32 -4.74 7.11
C PRO A 46 -8.99 -5.55 8.25
N SER A 47 -9.83 -4.85 9.01
CA SER A 47 -10.53 -5.44 10.15
C SER A 47 -11.64 -6.36 9.69
N ARG A 48 -12.15 -7.17 10.63
CA ARG A 48 -13.30 -8.04 10.39
C ARG A 48 -14.53 -7.29 9.91
N SER A 49 -14.71 -6.09 10.48
CA SER A 49 -15.78 -5.16 10.10
C SER A 49 -15.63 -4.65 8.66
N GLU A 50 -14.38 -4.38 8.26
CA GLU A 50 -14.09 -3.88 6.93
C GLU A 50 -14.09 -4.91 5.78
N LEU A 51 -13.64 -6.13 6.07
CA LEU A 51 -13.47 -7.17 5.04
C LEU A 51 -14.04 -8.50 5.60
N PRO A 52 -15.32 -8.50 6.02
CA PRO A 52 -15.96 -9.69 6.66
C PRO A 52 -15.92 -10.98 5.80
N ASP A 53 -16.06 -10.86 4.47
CA ASP A 53 -16.06 -12.03 3.58
C ASP A 53 -14.69 -12.73 3.48
N TYR A 54 -13.59 -11.98 3.61
CA TYR A 54 -12.27 -12.58 3.73
C TYR A 54 -12.25 -13.52 4.95
N TYR A 55 -12.68 -12.98 6.09
CA TYR A 55 -12.63 -13.71 7.35
C TYR A 55 -13.58 -14.93 7.39
N LEU A 56 -14.64 -14.90 6.61
CA LEU A 56 -15.55 -16.06 6.47
C LEU A 56 -15.01 -17.15 5.54
N THR A 57 -14.12 -16.80 4.63
CA THR A 57 -13.61 -17.66 3.58
C THR A 57 -12.27 -18.28 3.98
N ILE A 58 -11.47 -17.56 4.77
CA ILE A 58 -10.04 -17.84 4.96
C ILE A 58 -9.82 -18.37 6.36
N LYS A 59 -9.25 -19.56 6.47
CA LYS A 59 -9.08 -20.23 7.75
C LYS A 59 -7.99 -19.57 8.55
N LYS A 60 -6.86 -19.24 7.91
CA LYS A 60 -5.73 -18.66 8.61
C LYS A 60 -5.36 -17.28 8.02
N PRO A 61 -5.89 -16.19 8.58
CA PRO A 61 -5.49 -14.82 8.14
C PRO A 61 -3.99 -14.55 8.16
N MET A 62 -3.49 -13.79 7.18
CA MET A 62 -2.05 -13.49 7.15
C MET A 62 -1.85 -12.17 6.45
N ASP A 63 -0.95 -11.34 7.01
CA ASP A 63 -0.49 -10.14 6.36
C ASP A 63 1.03 -9.96 6.66
N MET A 64 1.68 -9.02 5.99
CA MET A 64 3.13 -8.87 6.10
C MET A 64 3.58 -8.33 7.44
N GLU A 65 2.72 -7.59 8.11
CA GLU A 65 2.96 -7.11 9.45
C GLU A 65 3.08 -8.27 10.46
N LYS A 66 2.17 -9.26 10.39
CA LYS A 66 2.25 -10.48 11.19
C LYS A 66 3.59 -11.20 10.96
N ILE A 67 3.95 -11.36 9.71
CA ILE A 67 5.22 -11.98 9.37
C ILE A 67 6.44 -11.14 9.88
N ARG A 68 6.40 -9.81 9.67
CA ARG A 68 7.50 -8.96 10.12
C ARG A 68 7.72 -9.02 11.64
N SER A 69 6.61 -8.94 12.38
CA SER A 69 6.63 -9.03 13.81
C SER A 69 7.26 -10.39 14.30
N HIS A 70 6.83 -11.50 13.70
CA HIS A 70 7.36 -12.82 14.04
C HIS A 70 8.87 -12.91 13.74
N MET A 71 9.26 -12.45 12.55
CA MET A 71 10.68 -12.34 12.15
C MET A 71 11.52 -11.58 13.19
N MET A 72 11.06 -10.37 13.55
CA MET A 72 11.79 -9.51 14.49
C MET A 72 11.80 -10.03 15.93
N ALA A 73 10.82 -10.84 16.28
CA ALA A 73 10.81 -11.55 17.56
C ALA A 73 11.72 -12.76 17.56
N ASN A 74 12.37 -13.06 16.43
CA ASN A 74 13.19 -14.25 16.30
C ASN A 74 12.40 -15.56 16.42
N LYS A 75 11.12 -15.55 16.04
CA LYS A 75 10.29 -16.71 16.21
C LYS A 75 10.31 -17.69 15.02
N TYR A 76 10.84 -17.31 13.87
CA TYR A 76 11.03 -18.27 12.75
C TYR A 76 12.25 -19.16 13.00
N GLN A 77 12.03 -20.47 12.96
CA GLN A 77 13.07 -21.46 13.21
C GLN A 77 13.93 -21.66 11.97
N ASP A 78 13.38 -21.37 10.79
CA ASP A 78 14.14 -21.47 9.53
C ASP A 78 13.53 -20.55 8.45
N ILE A 79 14.23 -20.46 7.34
CA ILE A 79 13.79 -19.63 6.22
C ILE A 79 12.46 -20.13 5.63
N ASP A 80 12.35 -21.44 5.48
CA ASP A 80 11.17 -21.99 4.87
C ASP A 80 9.86 -21.77 5.63
N SER A 81 9.94 -21.59 6.94
CA SER A 81 8.75 -21.29 7.75
C SER A 81 8.20 -19.94 7.42
N MET A 82 9.09 -18.97 7.20
CA MET A 82 8.67 -17.67 6.73
C MET A 82 8.14 -17.75 5.32
N VAL A 83 8.81 -18.48 4.42
CA VAL A 83 8.33 -18.66 3.06
C VAL A 83 6.88 -19.24 3.04
N GLU A 84 6.64 -20.23 3.90
CA GLU A 84 5.31 -20.83 4.07
C GLU A 84 4.24 -19.79 4.43
N ASP A 85 4.56 -18.88 5.34
CA ASP A 85 3.64 -17.80 5.74
C ASP A 85 3.32 -16.87 4.57
N PHE A 86 4.34 -16.51 3.79
CA PHE A 86 4.12 -15.68 2.59
C PHE A 86 3.25 -16.44 1.58
N VAL A 87 3.54 -17.72 1.39
CA VAL A 87 2.82 -18.56 0.43
C VAL A 87 1.35 -18.64 0.85
N MET A 88 1.14 -18.84 2.14
CA MET A 88 -0.20 -18.85 2.71
C MET A 88 -0.93 -17.54 2.43
N MET A 89 -0.22 -16.42 2.65
CA MET A 89 -0.76 -15.10 2.36
C MET A 89 -1.22 -14.98 0.89
N PHE A 90 -0.37 -15.41 -0.03
CA PHE A 90 -0.67 -15.23 -1.46
C PHE A 90 -1.77 -16.19 -1.92
N ASN A 91 -1.75 -17.39 -1.37
CA ASN A 91 -2.86 -18.35 -1.56
C ASN A 91 -4.19 -17.88 -1.01
N ASN A 92 -4.18 -17.31 0.20
CA ASN A 92 -5.37 -16.68 0.74
C ASN A 92 -5.89 -15.64 -0.24
N ALA A 93 -4.99 -14.77 -0.72
CA ALA A 93 -5.35 -13.69 -1.66
C ALA A 93 -5.96 -14.23 -2.95
N CYS A 94 -5.36 -15.29 -3.47
CA CYS A 94 -5.81 -15.95 -4.71
C CYS A 94 -7.05 -16.87 -4.52
N THR A 95 -7.31 -17.30 -3.29
CA THR A 95 -8.58 -17.98 -2.94
C THR A 95 -9.75 -16.99 -2.78
N TYR A 96 -9.54 -15.93 -2.00
CA TYR A 96 -10.59 -14.97 -1.75
C TYR A 96 -10.95 -14.15 -2.98
N ASN A 97 -9.95 -13.70 -3.74
CA ASN A 97 -10.14 -12.94 -4.98
C ASN A 97 -10.13 -13.78 -6.25
N GLU A 98 -10.67 -13.19 -7.32
CA GLU A 98 -10.86 -13.88 -8.59
C GLU A 98 -9.61 -13.66 -9.44
N PRO A 99 -9.28 -14.61 -10.36
CA PRO A 99 -8.12 -14.50 -11.27
C PRO A 99 -8.03 -13.20 -12.07
N GLU A 100 -9.19 -12.62 -12.38
CA GLU A 100 -9.27 -11.36 -13.12
C GLU A 100 -8.92 -10.10 -12.29
N SER A 101 -8.90 -10.18 -10.96
CA SER A 101 -8.57 -9.03 -10.10
C SER A 101 -7.07 -8.74 -10.01
N LEU A 102 -6.77 -7.49 -9.70
CA LEU A 102 -5.39 -7.00 -9.73
C LEU A 102 -4.63 -7.56 -8.55
N ILE A 103 -5.29 -7.64 -7.38
CA ILE A 103 -4.68 -8.18 -6.18
C ILE A 103 -4.24 -9.65 -6.39
N TYR A 104 -5.03 -10.41 -7.13
CA TYR A 104 -4.69 -11.78 -7.49
C TYR A 104 -3.37 -11.82 -8.32
N LYS A 105 -3.28 -10.94 -9.32
CA LYS A 105 -2.14 -10.94 -10.23
C LYS A 105 -0.88 -10.41 -9.53
N ASP A 106 -1.04 -9.39 -8.70
CA ASP A 106 0.06 -8.91 -7.83
C ASP A 106 0.57 -10.01 -6.89
N ALA A 107 -0.35 -10.79 -6.31
CA ALA A 107 0.01 -11.94 -5.49
C ALA A 107 0.86 -12.93 -6.24
N LEU A 108 0.54 -13.19 -7.51
CA LEU A 108 1.26 -14.19 -8.31
C LEU A 108 2.61 -13.69 -8.59
N VAL A 109 2.70 -12.38 -8.87
CA VAL A 109 4.01 -11.76 -9.12
C VAL A 109 4.88 -11.75 -7.87
N LEU A 110 4.33 -11.30 -6.76
CA LEU A 110 5.12 -11.36 -5.53
C LEU A 110 5.45 -12.81 -5.05
N HIS A 111 4.59 -13.76 -5.35
CA HIS A 111 4.87 -15.16 -5.04
C HIS A 111 6.09 -15.65 -5.82
N LYS A 112 6.17 -15.26 -7.10
CA LYS A 112 7.34 -15.53 -7.95
C LYS A 112 8.60 -14.85 -7.40
N VAL A 113 8.48 -13.59 -6.98
CA VAL A 113 9.58 -12.85 -6.38
C VAL A 113 10.11 -13.55 -5.13
N LEU A 114 9.18 -13.97 -4.28
CA LEU A 114 9.46 -14.77 -3.08
C LEU A 114 10.29 -16.06 -3.36
N LEU A 115 9.84 -16.87 -4.32
CA LEU A 115 10.56 -18.11 -4.65
C LEU A 115 11.93 -17.88 -5.29
N GLU A 116 12.04 -16.84 -6.11
CA GLU A 116 13.30 -16.45 -6.74
C GLU A 116 14.30 -16.05 -5.67
N THR A 117 13.85 -15.24 -4.71
CA THR A 117 14.70 -14.81 -3.62
C THR A 117 15.16 -15.97 -2.78
N ARG A 118 14.21 -16.85 -2.48
CA ARG A 118 14.51 -18.12 -1.83
C ARG A 118 15.55 -18.99 -2.54
N ARG A 119 15.32 -19.32 -3.82
CA ARG A 119 16.28 -20.11 -4.66
C ARG A 119 17.71 -19.53 -4.56
N ASP A 120 17.80 -18.21 -4.54
CA ASP A 120 19.05 -17.48 -4.47
C ASP A 120 19.70 -17.35 -3.10
N LEU A 121 19.04 -17.84 -2.06
CA LEU A 121 19.76 -18.20 -0.84
C LEU A 121 20.08 -19.69 -0.95
N LYS B 11 20.06 22.05 1.77
CA LYS B 11 18.99 23.01 1.38
C LYS B 11 17.82 22.91 2.37
N TYR B 12 17.20 24.06 2.68
CA TYR B 12 16.11 24.23 3.63
C TYR B 12 14.88 24.74 2.93
N MET B 13 13.73 24.24 3.38
CA MET B 13 12.47 24.58 2.74
C MET B 13 11.93 25.92 3.14
N THR B 14 11.35 26.63 2.16
CA THR B 14 10.57 27.84 2.45
C THR B 14 9.35 27.45 3.24
N PRO B 15 8.70 28.45 3.92
CA PRO B 15 7.46 28.18 4.61
C PRO B 15 6.42 27.47 3.72
N MET B 16 6.28 27.88 2.46
CA MET B 16 5.30 27.31 1.54
C MET B 16 5.67 25.86 1.17
N GLN B 17 6.93 25.63 0.83
CA GLN B 17 7.42 24.27 0.61
C GLN B 17 7.18 23.32 1.81
N GLN B 18 7.43 23.81 3.01
CA GLN B 18 7.21 23.01 4.18
C GLN B 18 5.75 22.71 4.39
N LYS B 19 4.89 23.69 4.19
CA LYS B 19 3.43 23.45 4.35
C LYS B 19 2.91 22.41 3.35
N LEU B 20 3.40 22.48 2.11
CA LEU B 20 3.05 21.57 1.07
C LEU B 20 3.48 20.19 1.46
N ASN B 21 4.71 20.10 1.96
CA ASN B 21 5.22 18.80 2.35
C ASN B 21 4.50 18.20 3.57
N GLU B 22 4.03 19.06 4.47
CA GLU B 22 3.31 18.64 5.65
C GLU B 22 1.93 18.11 5.25
N VAL B 23 1.28 18.74 4.29
CA VAL B 23 0.00 18.24 3.80
C VAL B 23 0.22 16.90 3.15
N TYR B 24 1.22 16.83 2.26
CA TYR B 24 1.50 15.54 1.58
C TYR B 24 1.76 14.40 2.57
N GLU B 25 2.63 14.66 3.53
CA GLU B 25 2.98 13.65 4.54
C GLU B 25 1.84 13.23 5.43
N ALA B 26 0.96 14.16 5.78
CA ALA B 26 -0.15 13.85 6.67
C ALA B 26 -1.04 12.79 6.04
N VAL B 27 -1.34 12.98 4.76
CA VAL B 27 -2.15 12.05 4.03
C VAL B 27 -1.38 10.72 3.87
N LYS B 28 -0.13 10.82 3.45
CA LYS B 28 0.70 9.64 3.28
C LYS B 28 0.87 8.78 4.54
N ASN B 29 1.12 9.44 5.66
CA ASN B 29 1.49 8.74 6.90
C ASN B 29 0.32 8.37 7.75
N TYR B 30 -0.87 8.86 7.43
CA TYR B 30 -2.02 8.54 8.24
C TYR B 30 -2.20 7.03 8.42
N THR B 31 -2.39 6.62 9.67
CA THR B 31 -2.72 5.20 9.96
C THR B 31 -3.97 5.20 10.82
N ASP B 32 -4.85 4.23 10.56
CA ASP B 32 -6.03 4.05 11.38
C ASP B 32 -5.65 3.43 12.75
N LYS B 33 -6.66 3.19 13.59
CA LYS B 33 -6.45 2.61 14.92
C LYS B 33 -5.76 1.24 14.90
N ARG B 34 -5.85 0.49 13.82
CA ARG B 34 -5.18 -0.83 13.66
C ARG B 34 -3.76 -0.79 13.05
N GLY B 35 -3.24 0.42 12.84
CA GLY B 35 -1.98 0.60 12.13
C GLY B 35 -2.01 0.45 10.61
N ARG B 36 -3.18 0.44 9.98
CA ARG B 36 -3.22 0.30 8.53
C ARG B 36 -2.99 1.69 7.89
N ARG B 37 -2.04 1.76 6.97
CA ARG B 37 -1.67 2.99 6.27
C ARG B 37 -2.59 3.08 5.07
N LEU B 38 -3.63 3.92 5.19
CA LEU B 38 -4.67 3.98 4.16
C LEU B 38 -4.19 4.50 2.80
N SER B 39 -3.08 5.27 2.78
CA SER B 39 -2.49 5.77 1.53
C SER B 39 -1.87 4.72 0.59
N ALA B 40 -1.59 3.51 1.12
CA ALA B 40 -0.85 2.41 0.43
C ALA B 40 -1.29 2.26 -0.99
N ILE B 41 -2.57 2.00 -1.17
CA ILE B 41 -3.11 1.73 -2.52
C ILE B 41 -3.11 3.01 -3.44
N PHE B 42 -3.06 4.22 -2.87
CA PHE B 42 -3.12 5.50 -3.59
C PHE B 42 -1.79 6.02 -4.14
N LEU B 43 -0.67 5.41 -3.71
CA LEU B 43 0.65 5.88 -4.10
C LEU B 43 0.83 5.90 -5.60
N ARG B 44 0.56 4.79 -6.26
CA ARG B 44 0.78 4.68 -7.67
C ARG B 44 -0.36 3.90 -8.32
N LEU B 45 -0.96 4.55 -9.31
CA LEU B 45 -1.97 3.91 -10.15
C LEU B 45 -1.39 2.73 -10.94
N PRO B 46 -2.11 1.63 -10.98
CA PRO B 46 -1.81 0.59 -11.93
C PRO B 46 -1.93 1.05 -13.39
N SER B 47 -1.41 0.22 -14.28
CA SER B 47 -1.35 0.50 -15.71
C SER B 47 -2.75 0.38 -16.31
N ARG B 48 -2.89 0.85 -17.53
CA ARG B 48 -4.12 0.75 -18.31
C ARG B 48 -4.57 -0.68 -18.51
N SER B 49 -3.63 -1.58 -18.69
CA SER B 49 -4.06 -3.00 -18.79
C SER B 49 -4.39 -3.66 -17.49
N GLU B 50 -3.81 -3.19 -16.38
CA GLU B 50 -4.14 -3.71 -15.03
C GLU B 50 -5.48 -3.24 -14.44
N LEU B 51 -5.85 -1.99 -14.75
CA LEU B 51 -7.06 -1.35 -14.21
C LEU B 51 -7.78 -0.57 -15.33
N PRO B 52 -8.14 -1.27 -16.44
CA PRO B 52 -8.71 -0.61 -17.63
C PRO B 52 -10.00 0.18 -17.30
N ASP B 53 -10.79 -0.31 -16.36
CA ASP B 53 -12.10 0.31 -16.07
C ASP B 53 -11.99 1.66 -15.39
N TYR B 54 -10.93 1.85 -14.60
CA TYR B 54 -10.61 3.16 -14.03
C TYR B 54 -10.40 4.15 -15.17
N TYR B 55 -9.55 3.77 -16.12
CA TYR B 55 -9.21 4.66 -17.23
C TYR B 55 -10.35 4.95 -18.19
N LEU B 56 -11.31 4.05 -18.25
CA LEU B 56 -12.54 4.29 -19.03
C LEU B 56 -13.50 5.22 -18.33
N THR B 57 -13.44 5.28 -17.01
CA THR B 57 -14.42 5.98 -16.20
C THR B 57 -13.91 7.39 -15.84
N ILE B 58 -12.59 7.55 -15.71
CA ILE B 58 -11.99 8.75 -15.09
C ILE B 58 -11.29 9.59 -16.16
N LYS B 59 -11.65 10.87 -16.23
CA LYS B 59 -11.15 11.78 -17.24
C LYS B 59 -9.74 12.24 -16.90
N LYS B 60 -9.47 12.51 -15.64
CA LYS B 60 -8.16 12.99 -15.22
C LYS B 60 -7.52 12.10 -14.17
N PRO B 61 -6.73 11.10 -14.59
CA PRO B 61 -6.07 10.22 -13.63
C PRO B 61 -5.20 10.97 -12.58
N MET B 62 -5.17 10.46 -11.36
CA MET B 62 -4.35 11.08 -10.30
C MET B 62 -3.90 10.01 -9.34
N ASP B 63 -2.64 10.11 -8.91
CA ASP B 63 -2.13 9.29 -7.84
C ASP B 63 -1.18 10.15 -6.99
N MET B 64 -0.75 9.62 -5.85
CA MET B 64 0.11 10.43 -4.93
C MET B 64 1.52 10.66 -5.47
N GLU B 65 2.01 9.75 -6.29
CA GLU B 65 3.31 9.92 -6.98
C GLU B 65 3.29 11.14 -7.91
N LYS B 66 2.20 11.33 -8.67
CA LYS B 66 2.02 12.52 -9.51
C LYS B 66 2.05 13.81 -8.68
N ILE B 67 1.31 13.80 -7.58
CA ILE B 67 1.31 14.94 -6.64
C ILE B 67 2.72 15.17 -6.02
N ARG B 68 3.37 14.08 -5.60
CA ARG B 68 4.70 14.19 -5.00
C ARG B 68 5.72 14.76 -6.02
N SER B 69 5.67 14.28 -7.25
CA SER B 69 6.53 14.81 -8.32
C SER B 69 6.34 16.31 -8.57
N HIS B 70 5.08 16.73 -8.68
CA HIS B 70 4.73 18.12 -8.88
C HIS B 70 5.26 18.96 -7.70
N MET B 71 5.03 18.49 -6.48
CA MET B 71 5.55 19.13 -5.27
C MET B 71 7.06 19.30 -5.34
N MET B 72 7.77 18.21 -5.60
CA MET B 72 9.24 18.21 -5.65
C MET B 72 9.83 19.00 -6.81
N ALA B 73 9.07 19.17 -7.89
CA ALA B 73 9.44 20.06 -8.98
C ALA B 73 9.14 21.53 -8.65
N ASN B 74 8.60 21.81 -7.47
CA ASN B 74 8.21 23.16 -7.09
C ASN B 74 7.11 23.76 -7.95
N LYS B 75 6.23 22.94 -8.48
CA LYS B 75 5.21 23.40 -9.40
C LYS B 75 3.88 23.80 -8.76
N TYR B 76 3.65 23.48 -7.48
CA TYR B 76 2.47 24.00 -6.76
C TYR B 76 2.74 25.43 -6.24
N GLN B 77 1.92 26.37 -6.65
CA GLN B 77 2.11 27.77 -6.30
C GLN B 77 1.56 28.04 -4.92
N ASP B 78 0.59 27.24 -4.50
CA ASP B 78 -0.06 27.46 -3.22
C ASP B 78 -0.61 26.14 -2.67
N ILE B 79 -1.03 26.19 -1.42
CA ILE B 79 -1.49 25.00 -0.74
C ILE B 79 -2.77 24.44 -1.38
N ASP B 80 -3.69 25.33 -1.73
CA ASP B 80 -4.96 24.86 -2.28
C ASP B 80 -4.84 24.11 -3.60
N SER B 81 -3.81 24.38 -4.38
CA SER B 81 -3.62 23.67 -5.64
C SER B 81 -3.27 22.23 -5.40
N MET B 82 -2.44 21.96 -4.37
CA MET B 82 -2.17 20.61 -3.97
C MET B 82 -3.44 19.96 -3.41
N VAL B 83 -4.19 20.65 -2.56
CA VAL B 83 -5.44 20.10 -1.98
C VAL B 83 -6.41 19.67 -3.08
N GLU B 84 -6.54 20.53 -4.09
CA GLU B 84 -7.37 20.23 -5.26
C GLU B 84 -6.99 18.92 -5.98
N ASP B 85 -5.68 18.66 -6.12
CA ASP B 85 -5.22 17.40 -6.70
C ASP B 85 -5.56 16.18 -5.84
N PHE B 86 -5.37 16.27 -4.54
CA PHE B 86 -5.77 15.22 -3.65
C PHE B 86 -7.31 15.00 -3.71
N VAL B 87 -8.07 16.11 -3.71
CA VAL B 87 -9.53 16.02 -3.77
C VAL B 87 -9.98 15.31 -5.05
N MET B 88 -9.34 15.68 -6.16
CA MET B 88 -9.59 15.01 -7.44
C MET B 88 -9.33 13.50 -7.37
N MET B 89 -8.20 13.15 -6.76
CA MET B 89 -7.86 11.75 -6.52
C MET B 89 -8.94 11.00 -5.74
N PHE B 90 -9.40 11.57 -4.65
CA PHE B 90 -10.40 10.86 -3.79
C PHE B 90 -11.79 10.81 -4.44
N ASN B 91 -12.15 11.88 -5.14
CA ASN B 91 -13.35 11.89 -6.01
C ASN B 91 -13.30 10.87 -7.14
N ASN B 92 -12.14 10.77 -7.82
CA ASN B 92 -11.94 9.73 -8.81
C ASN B 92 -12.20 8.35 -8.19
N ALA B 93 -11.57 8.11 -7.05
CA ALA B 93 -11.69 6.83 -6.33
C ALA B 93 -13.16 6.47 -5.97
N CYS B 94 -13.89 7.47 -5.49
CA CYS B 94 -15.28 7.34 -5.12
C CYS B 94 -16.24 7.35 -6.34
N THR B 95 -15.83 7.93 -7.47
CA THR B 95 -16.60 7.78 -8.73
C THR B 95 -16.43 6.36 -9.30
N TYR B 96 -15.18 5.88 -9.38
CA TYR B 96 -14.93 4.59 -9.98
C TYR B 96 -15.41 3.39 -9.13
N ASN B 97 -15.05 3.35 -7.86
CA ASN B 97 -15.47 2.31 -6.94
C ASN B 97 -16.84 2.58 -6.34
N GLU B 98 -17.42 1.52 -5.81
CA GLU B 98 -18.76 1.55 -5.26
C GLU B 98 -18.64 1.87 -3.77
N PRO B 99 -19.66 2.50 -3.16
CA PRO B 99 -19.67 2.87 -1.74
C PRO B 99 -19.39 1.72 -0.79
N GLU B 100 -19.73 0.50 -1.20
CA GLU B 100 -19.50 -0.73 -0.40
C GLU B 100 -18.03 -1.21 -0.39
N SER B 101 -17.21 -0.74 -1.33
CA SER B 101 -15.79 -1.12 -1.35
C SER B 101 -14.93 -0.41 -0.29
N LEU B 102 -13.84 -1.07 0.04
CA LEU B 102 -12.96 -0.57 1.06
C LEU B 102 -12.15 0.63 0.60
N ILE B 103 -11.72 0.61 -0.64
CA ILE B 103 -10.98 1.78 -1.20
C ILE B 103 -11.84 3.06 -1.14
N TYR B 104 -13.14 2.93 -1.41
CA TYR B 104 -14.06 4.06 -1.34
C TYR B 104 -14.04 4.68 0.09
N LYS B 105 -14.12 3.82 1.09
CA LYS B 105 -14.15 4.29 2.50
C LYS B 105 -12.84 4.89 2.93
N ASP B 106 -11.76 4.26 2.51
CA ASP B 106 -10.42 4.80 2.79
C ASP B 106 -10.26 6.20 2.18
N ALA B 107 -10.77 6.38 0.96
CA ALA B 107 -10.76 7.69 0.29
C ALA B 107 -11.52 8.73 1.07
N LEU B 108 -12.67 8.34 1.66
CA LEU B 108 -13.47 9.30 2.44
C LEU B 108 -12.75 9.68 3.69
N VAL B 109 -12.13 8.68 4.31
CA VAL B 109 -11.28 8.93 5.53
C VAL B 109 -10.06 9.82 5.19
N LEU B 110 -9.32 9.50 4.15
CA LEU B 110 -8.17 10.34 3.84
C LEU B 110 -8.56 11.73 3.37
N HIS B 111 -9.71 11.85 2.74
CA HIS B 111 -10.20 13.13 2.35
C HIS B 111 -10.46 14.03 3.59
N LYS B 112 -11.04 13.45 4.63
CA LYS B 112 -11.25 14.11 5.90
C LYS B 112 -9.93 14.53 6.57
N VAL B 113 -8.93 13.64 6.56
CA VAL B 113 -7.58 13.90 7.04
C VAL B 113 -6.94 15.08 6.31
N LEU B 114 -7.08 15.10 4.99
CA LEU B 114 -6.62 16.20 4.16
C LEU B 114 -7.20 17.54 4.58
N LEU B 115 -8.53 17.60 4.74
CA LEU B 115 -9.19 18.88 5.08
C LEU B 115 -8.84 19.34 6.48
N GLU B 116 -8.65 18.40 7.38
CA GLU B 116 -8.21 18.72 8.77
C GLU B 116 -6.83 19.36 8.77
N THR B 117 -5.95 18.75 8.00
CA THR B 117 -4.57 19.20 7.88
C THR B 117 -4.54 20.57 7.30
N ARG B 118 -5.33 20.76 6.27
CA ARG B 118 -5.48 22.06 5.65
C ARG B 118 -6.02 23.15 6.60
N ARG B 119 -7.13 22.87 7.27
CA ARG B 119 -7.76 23.75 8.27
C ARG B 119 -6.74 24.23 9.36
N ASP B 120 -5.82 23.35 9.77
CA ASP B 120 -4.76 23.75 10.69
C ASP B 120 -3.89 24.89 10.12
N LEU B 121 -3.54 24.81 8.85
CA LEU B 121 -2.81 25.87 8.17
C LEU B 121 -3.81 26.91 7.70
#